data_4D8V
#
_entry.id   4D8V
#
_cell.length_a   136.827
_cell.length_b   136.827
_cell.length_c   57.108
_cell.angle_alpha   90.000
_cell.angle_beta   90.000
_cell.angle_gamma   120.000
#
_symmetry.space_group_name_H-M   'P 3 2 1'
#
loop_
_entity.id
_entity.type
_entity.pdbx_description
1 polymer 'Purine nucleoside phosphorylase deoD-type'
2 non-polymer 'SULFATE ION'
3 non-polymer ADENINE
4 water water
#
_entity_poly.entity_id   1
_entity_poly.type   'polypeptide(L)'
_entity_poly.pdbx_seq_one_letter_code
;MGSSHHHHHHSSGLVPRGSHMSVHIGAEKGQIADTVLLPGDPLRAKFIAETYLENVECYNEVRGMYGFTGTYKGKKISVQ
GTGMGVPSISIYVNELIQSYDVQNLIRVGSCGAIRKDVKVRDVILAMTSSTDSQMNRVAFGSVDFAPCADFELLKNAYDA
AKDKGVPVTVGSVFTADQFYNDDSQIEKLAKYGVLGVEMETTALYTLAAKHGRKALSILTVSDHVLTGEETTAEERQTTF
HDMIDVALHSVSQ
;
_entity_poly.pdbx_strand_id   A,B
#
loop_
_chem_comp.id
_chem_comp.type
_chem_comp.name
_chem_comp.formula
ADE non-polymer ADENINE 'C5 H5 N5'
SO4 non-polymer 'SULFATE ION' 'O4 S -2'
#
# COMPACT_ATOMS: atom_id res chain seq x y z
N SER A 22 12.17 0.20 13.48
CA SER A 22 11.06 0.13 12.46
C SER A 22 11.53 0.69 11.12
N VAL A 23 11.53 -0.18 10.13
CA VAL A 23 12.01 0.10 8.78
C VAL A 23 11.26 1.24 8.05
N HIS A 24 9.99 1.48 8.38
CA HIS A 24 9.20 2.44 7.61
C HIS A 24 8.71 3.68 8.39
N ILE A 25 9.11 3.77 9.65
CA ILE A 25 8.76 4.92 10.47
C ILE A 25 10.06 5.45 11.12
N GLY A 26 10.43 6.68 10.80
CA GLY A 26 11.69 7.26 11.30
C GLY A 26 11.48 8.10 12.54
N ALA A 27 11.01 7.46 13.60
CA ALA A 27 10.65 8.16 14.84
C ALA A 27 11.44 7.57 16.01
N GLU A 28 11.57 8.31 17.10
CA GLU A 28 12.32 7.86 18.29
C GLU A 28 11.37 7.36 19.39
N LYS A 29 11.89 6.99 20.56
CA LYS A 29 11.03 6.54 21.67
C LYS A 29 10.11 7.66 22.11
N GLY A 30 8.89 7.29 22.49
CA GLY A 30 7.94 8.22 23.09
C GLY A 30 7.38 9.31 22.20
N GLN A 31 7.83 9.36 20.94
CA GLN A 31 7.32 10.34 19.97
C GLN A 31 5.91 10.01 19.47
N ILE A 32 5.53 8.74 19.55
CA ILE A 32 4.20 8.30 19.15
C ILE A 32 3.31 7.99 20.37
N ALA A 33 2.10 8.54 20.36
CA ALA A 33 1.16 8.39 21.46
C ALA A 33 0.59 6.98 21.53
N ASP A 34 -0.08 6.68 22.65
CA ASP A 34 -0.69 5.38 22.88
C ASP A 34 -1.90 5.15 21.97
N THR A 35 -2.48 6.26 21.51
CA THR A 35 -3.64 6.26 20.64
C THR A 35 -3.29 6.86 19.28
N VAL A 36 -3.52 6.09 18.22
CA VAL A 36 -3.18 6.50 16.85
C VAL A 36 -4.39 6.41 15.92
N LEU A 37 -4.67 7.51 15.25
CA LEU A 37 -5.66 7.54 14.18
C LEU A 37 -4.96 7.13 12.89
N LEU A 38 -5.67 6.39 12.04
CA LEU A 38 -5.06 5.82 10.84
C LEU A 38 -5.83 6.12 9.56
N PRO A 39 -5.70 7.34 9.05
CA PRO A 39 -6.23 7.58 7.70
C PRO A 39 -5.39 6.81 6.66
N GLY A 40 -5.97 6.49 5.52
CA GLY A 40 -5.19 5.86 4.47
C GLY A 40 -4.24 6.87 3.84
N ASP A 41 -4.74 8.10 3.71
CA ASP A 41 -4.07 9.14 2.93
C ASP A 41 -3.16 9.97 3.86
N PRO A 42 -1.84 9.96 3.63
CA PRO A 42 -0.94 10.77 4.47
C PRO A 42 -1.28 12.27 4.48
N LEU A 43 -1.89 12.78 3.42
CA LEU A 43 -2.34 14.18 3.37
C LEU A 43 -3.54 14.45 4.26
N ARG A 44 -4.42 13.45 4.43
CA ARG A 44 -5.46 13.50 5.47
C ARG A 44 -4.91 13.40 6.90
N ALA A 45 -3.84 12.62 7.11
CA ALA A 45 -3.19 12.63 8.43
C ALA A 45 -2.71 14.03 8.77
N LYS A 46 -2.19 14.74 7.77
CA LYS A 46 -1.72 16.09 7.94
C LYS A 46 -2.88 16.99 8.31
N PHE A 47 -3.93 16.93 7.49
CA PHE A 47 -5.12 17.75 7.67
C PHE A 47 -5.76 17.53 9.04
N ILE A 48 -5.98 16.27 9.40
CA ILE A 48 -6.45 15.90 10.73
C ILE A 48 -5.57 16.49 11.83
N ALA A 49 -4.27 16.27 11.77
CA ALA A 49 -3.41 16.74 12.85
C ALA A 49 -3.49 18.26 13.00
N GLU A 50 -3.42 18.98 11.88
CA GLU A 50 -3.34 20.43 11.86
C GLU A 50 -4.66 21.08 12.21
N THR A 51 -5.74 20.34 12.03
CA THR A 51 -7.09 20.89 12.18
C THR A 51 -7.68 20.60 13.57
N TYR A 52 -7.27 19.50 14.18
CA TYR A 52 -7.94 18.98 15.40
C TYR A 52 -7.04 18.94 16.63
N LEU A 53 -5.73 18.92 16.42
CA LEU A 53 -4.82 18.76 17.52
C LEU A 53 -4.05 20.05 17.78
N GLU A 54 -3.32 20.07 18.89
CA GLU A 54 -2.40 21.16 19.17
C GLU A 54 -1.01 20.61 19.47
N ASN A 55 -0.01 21.49 19.43
CA ASN A 55 1.38 21.10 19.67
C ASN A 55 1.78 19.97 18.74
N VAL A 56 1.54 20.18 17.45
CA VAL A 56 1.77 19.17 16.42
C VAL A 56 3.25 19.07 16.02
N GLU A 57 3.78 17.85 16.11
CA GLU A 57 5.08 17.51 15.55
C GLU A 57 4.92 16.39 14.51
N CYS A 58 5.58 16.55 13.37
CA CYS A 58 5.67 15.46 12.43
C CYS A 58 6.83 14.58 12.83
N TYR A 59 6.55 13.32 13.19
CA TYR A 59 7.59 12.40 13.60
C TYR A 59 8.07 11.52 12.44
N ASN A 60 7.31 11.48 11.36
CA ASN A 60 7.69 10.60 10.25
C ASN A 60 7.56 11.22 8.89
N GLU A 61 8.59 11.01 8.07
CA GLU A 61 8.56 11.46 6.69
C GLU A 61 8.97 10.35 5.73
N VAL A 62 9.35 9.21 6.29
CA VAL A 62 9.71 8.09 5.42
C VAL A 62 8.62 7.73 4.41
N ARG A 63 9.04 7.61 3.15
CA ARG A 63 8.19 7.21 2.03
C ARG A 63 7.02 8.19 1.84
N GLY A 64 7.19 9.41 2.35
CA GLY A 64 6.10 10.39 2.44
C GLY A 64 4.87 9.98 3.27
N MET A 65 4.95 8.87 3.99
CA MET A 65 3.83 8.40 4.83
C MET A 65 3.77 9.09 6.20
N TYR A 66 3.41 10.37 6.19
CA TYR A 66 3.48 11.24 7.38
C TYR A 66 2.74 10.71 8.60
N GLY A 67 3.42 10.77 9.73
CA GLY A 67 2.84 10.52 11.02
C GLY A 67 2.97 11.79 11.84
N PHE A 68 1.94 12.13 12.59
CA PHE A 68 1.97 13.30 13.44
C PHE A 68 1.59 12.93 14.86
N THR A 69 2.04 13.77 15.80
CA THR A 69 1.66 13.67 17.21
C THR A 69 1.31 15.05 17.77
N GLY A 70 0.19 15.10 18.48
CA GLY A 70 -0.26 16.33 19.10
C GLY A 70 -1.11 16.03 20.32
N THR A 71 -1.89 17.04 20.74
CA THR A 71 -2.75 16.96 21.91
C THR A 71 -4.17 17.35 21.57
N TYR A 72 -5.11 16.66 22.18
CA TYR A 72 -6.50 17.02 22.08
C TYR A 72 -6.99 17.10 23.51
N LYS A 73 -7.51 18.27 23.88
CA LYS A 73 -7.86 18.59 25.27
C LYS A 73 -6.82 18.01 26.24
N GLY A 74 -5.54 18.28 25.96
CA GLY A 74 -4.45 17.81 26.80
C GLY A 74 -3.85 16.45 26.46
N LYS A 75 -4.66 15.57 25.87
CA LYS A 75 -4.26 14.18 25.67
C LYS A 75 -3.40 13.97 24.42
N LYS A 76 -2.27 13.27 24.58
CA LYS A 76 -1.40 12.93 23.43
C LYS A 76 -2.10 11.99 22.50
N ILE A 77 -2.18 12.39 21.23
CA ILE A 77 -2.79 11.61 20.16
C ILE A 77 -1.89 11.66 18.92
N SER A 78 -1.72 10.53 18.25
CA SER A 78 -1.00 10.48 16.98
C SER A 78 -1.95 10.21 15.81
N VAL A 79 -1.50 10.56 14.61
CA VAL A 79 -2.26 10.35 13.39
C VAL A 79 -1.24 9.87 12.35
N GLN A 80 -1.46 8.69 11.80
CA GLN A 80 -0.47 8.09 10.90
C GLN A 80 -1.13 7.58 9.60
N GLY A 81 -0.70 8.10 8.45
CA GLY A 81 -1.14 7.54 7.16
C GLY A 81 -0.76 6.06 7.04
N THR A 82 -1.63 5.26 6.44
CA THR A 82 -1.38 3.81 6.31
C THR A 82 -1.09 3.37 4.87
N GLY A 83 -1.51 4.19 3.90
CA GLY A 83 -1.45 3.78 2.51
C GLY A 83 -2.58 2.81 2.29
N MET A 84 -2.66 2.27 1.07
CA MET A 84 -3.82 1.47 0.70
C MET A 84 -3.51 0.01 0.61
N GLY A 85 -4.44 -0.79 1.14
CA GLY A 85 -4.39 -2.24 1.04
C GLY A 85 -3.85 -2.86 2.32
N VAL A 86 -4.24 -4.11 2.54
CA VAL A 86 -3.80 -4.90 3.65
C VAL A 86 -2.27 -4.87 3.87
N PRO A 87 -1.45 -5.11 2.81
CA PRO A 87 -0.01 -5.13 2.99
C PRO A 87 0.59 -3.82 3.47
N SER A 88 0.07 -2.70 2.98
CA SER A 88 0.61 -1.42 3.36
C SER A 88 0.24 -1.10 4.82
N ILE A 89 -1.05 -1.17 5.15
CA ILE A 89 -1.45 -0.90 6.51
C ILE A 89 -0.77 -1.88 7.50
N SER A 90 -0.55 -3.13 7.10
CA SER A 90 0.08 -4.16 7.97
C SER A 90 1.49 -3.77 8.43
N ILE A 91 2.25 -3.21 7.50
CA ILE A 91 3.55 -2.64 7.77
C ILE A 91 3.50 -1.60 8.88
N TYR A 92 2.60 -0.63 8.76
CA TYR A 92 2.50 0.47 9.71
C TYR A 92 1.92 0.05 11.05
N VAL A 93 0.87 -0.76 11.01
CA VAL A 93 0.28 -1.27 12.24
C VAL A 93 1.30 -2.09 13.02
N ASN A 94 2.04 -3.00 12.34
CA ASN A 94 3.06 -3.82 13.00
C ASN A 94 4.16 -2.97 13.65
N GLU A 95 4.77 -2.07 12.89
CA GLU A 95 5.77 -1.20 13.47
C GLU A 95 5.20 -0.38 14.64
N LEU A 96 4.04 0.26 14.43
CA LEU A 96 3.39 1.03 15.51
C LEU A 96 3.23 0.23 16.81
N ILE A 97 2.86 -1.04 16.66
CA ILE A 97 2.58 -1.94 17.79
C ILE A 97 3.86 -2.53 18.41
N GLN A 98 4.75 -3.04 17.57
CA GLN A 98 5.96 -3.75 18.00
C GLN A 98 7.09 -2.82 18.46
N SER A 99 7.26 -1.67 17.80
CA SER A 99 8.34 -0.75 18.14
C SER A 99 7.92 0.50 18.92
N TYR A 100 6.66 0.90 18.87
CA TYR A 100 6.23 2.10 19.59
C TYR A 100 5.18 1.82 20.63
N ASP A 101 4.91 0.53 20.84
CA ASP A 101 3.99 0.10 21.91
C ASP A 101 2.60 0.79 21.84
N VAL A 102 2.09 1.04 20.62
CA VAL A 102 0.76 1.66 20.51
C VAL A 102 -0.31 0.72 21.02
N GLN A 103 -1.22 1.25 21.84
CA GLN A 103 -2.29 0.46 22.48
C GLN A 103 -3.68 0.59 21.80
N ASN A 104 -3.99 1.78 21.26
CA ASN A 104 -5.31 2.03 20.63
C ASN A 104 -5.11 2.51 19.18
N LEU A 105 -5.65 1.75 18.22
CA LEU A 105 -5.47 2.03 16.79
C LEU A 105 -6.82 2.24 16.14
N ILE A 106 -7.07 3.43 15.62
CA ILE A 106 -8.39 3.72 15.12
C ILE A 106 -8.29 4.19 13.70
N ARG A 107 -8.77 3.37 12.77
CA ARG A 107 -8.80 3.74 11.36
C ARG A 107 -9.90 4.76 11.22
N VAL A 108 -9.59 5.85 10.54
CA VAL A 108 -10.58 6.82 10.09
C VAL A 108 -10.39 6.96 8.59
N GLY A 109 -11.35 6.45 7.83
CA GLY A 109 -11.29 6.58 6.38
C GLY A 109 -12.66 6.44 5.73
N SER A 110 -12.66 6.14 4.44
CA SER A 110 -13.91 6.08 3.76
C SER A 110 -14.12 4.70 3.13
N CYS A 111 -15.37 4.44 2.73
CA CYS A 111 -15.69 3.23 2.03
C CYS A 111 -16.70 3.51 0.91
N GLY A 112 -16.82 2.56 -0.02
CA GLY A 112 -17.93 2.59 -0.96
C GLY A 112 -19.06 1.81 -0.31
N ALA A 113 -20.20 2.49 -0.14
CA ALA A 113 -21.38 1.86 0.42
C ALA A 113 -21.96 0.90 -0.61
N ILE A 114 -22.49 -0.22 -0.14
CA ILE A 114 -22.99 -1.25 -1.06
C ILE A 114 -24.40 -1.64 -0.70
N ARG A 115 -24.96 -0.97 0.30
CA ARG A 115 -26.38 -1.13 0.65
C ARG A 115 -27.15 0.18 0.68
N LYS A 116 -28.39 0.10 0.18
CA LYS A 116 -29.28 1.27 0.04
C LYS A 116 -29.53 1.97 1.37
N ASP A 117 -29.61 1.22 2.47
CA ASP A 117 -29.88 1.83 3.78
C ASP A 117 -28.65 2.41 4.48
N VAL A 118 -27.48 2.36 3.84
CA VAL A 118 -26.35 3.15 4.30
C VAL A 118 -26.47 4.54 3.67
N LYS A 119 -26.77 5.55 4.49
CA LYS A 119 -26.93 6.90 3.98
C LYS A 119 -25.63 7.64 3.92
N VAL A 120 -25.56 8.59 3.00
CA VAL A 120 -24.38 9.44 2.85
C VAL A 120 -23.93 10.09 4.18
N ARG A 121 -24.84 10.33 5.10
CA ARG A 121 -24.45 11.03 6.36
C ARG A 121 -24.02 10.10 7.49
N ASP A 122 -24.16 8.79 7.29
CA ASP A 122 -23.91 7.78 8.32
C ASP A 122 -22.44 7.63 8.63
N VAL A 123 -22.12 7.67 9.92
CA VAL A 123 -20.81 7.23 10.35
C VAL A 123 -20.91 5.72 10.58
N ILE A 124 -20.05 5.00 9.90
CA ILE A 124 -20.02 3.55 10.01
C ILE A 124 -18.95 3.17 11.03
N LEU A 125 -19.35 2.31 11.98
CA LEU A 125 -18.44 1.58 12.85
C LEU A 125 -18.45 0.10 12.46
N ALA A 126 -17.29 -0.43 12.06
CA ALA A 126 -17.16 -1.84 11.69
C ALA A 126 -16.96 -2.71 12.92
N MET A 127 -17.87 -3.67 13.12
CA MET A 127 -17.71 -4.72 14.12
C MET A 127 -16.69 -5.77 13.69
N THR A 128 -16.66 -6.04 12.39
CA THR A 128 -15.87 -7.08 11.79
C THR A 128 -15.74 -6.79 10.28
N SER A 129 -15.01 -7.63 9.58
CA SER A 129 -14.68 -7.35 8.22
C SER A 129 -14.48 -8.68 7.49
N SER A 130 -15.16 -8.85 6.37
CA SER A 130 -14.83 -9.91 5.42
C SER A 130 -13.64 -9.45 4.56
N THR A 131 -13.00 -10.37 3.84
CA THR A 131 -11.89 -10.02 2.98
C THR A 131 -11.67 -11.00 1.82
N ASP A 132 -11.03 -10.52 0.76
CA ASP A 132 -10.43 -11.47 -0.20
C ASP A 132 -8.92 -11.50 -0.14
N SER A 133 -8.36 -10.83 0.88
CA SER A 133 -6.97 -11.01 1.22
C SER A 133 -6.72 -12.46 1.65
N GLN A 134 -5.53 -12.98 1.31
CA GLN A 134 -5.12 -14.31 1.78
C GLN A 134 -4.41 -14.29 3.15
N MET A 135 -4.26 -13.14 3.79
CA MET A 135 -3.44 -13.06 5.02
C MET A 135 -3.89 -14.01 6.12
N ASN A 136 -5.18 -14.23 6.23
CA ASN A 136 -5.65 -15.06 7.31
C ASN A 136 -5.61 -16.52 6.93
N ARG A 137 -5.78 -16.82 5.64
CA ARG A 137 -5.67 -18.19 5.21
C ARG A 137 -4.21 -18.61 5.26
N VAL A 138 -3.31 -17.67 5.02
CA VAL A 138 -1.89 -17.94 5.21
C VAL A 138 -1.65 -18.46 6.65
N ALA A 139 -2.31 -17.85 7.64
CA ALA A 139 -2.08 -18.20 9.05
C ALA A 139 -2.92 -19.38 9.54
N PHE A 140 -4.10 -19.59 8.98
CA PHE A 140 -5.09 -20.49 9.56
C PHE A 140 -5.52 -21.63 8.62
N GLY A 141 -5.11 -21.55 7.36
CA GLY A 141 -5.43 -22.60 6.40
C GLY A 141 -6.92 -22.70 6.19
N SER A 142 -7.46 -23.86 6.56
CA SER A 142 -8.89 -24.18 6.38
C SER A 142 -9.82 -23.37 7.28
N VAL A 143 -9.27 -22.67 8.27
CA VAL A 143 -10.12 -21.79 9.11
C VAL A 143 -10.40 -20.45 8.44
N ASP A 144 -11.66 -20.01 8.54
CA ASP A 144 -12.06 -18.63 8.23
C ASP A 144 -11.87 -17.84 9.51
N PHE A 145 -10.83 -17.03 9.56
CA PHE A 145 -10.71 -16.12 10.68
C PHE A 145 -11.60 -14.85 10.55
N ALA A 146 -12.48 -14.64 11.53
CA ALA A 146 -13.34 -13.46 11.54
C ALA A 146 -12.73 -12.38 12.43
N PRO A 147 -12.20 -11.29 11.82
CA PRO A 147 -11.61 -10.24 12.66
C PRO A 147 -12.68 -9.57 13.47
N CYS A 148 -12.29 -8.94 14.57
CA CYS A 148 -13.25 -8.41 15.52
C CYS A 148 -12.76 -7.10 16.14
N ALA A 149 -13.59 -6.09 16.09
CA ALA A 149 -13.27 -4.81 16.72
C ALA A 149 -13.21 -4.96 18.25
N ASP A 150 -12.33 -4.17 18.88
CA ASP A 150 -12.44 -3.96 20.31
C ASP A 150 -13.80 -3.36 20.69
N PHE A 151 -14.53 -4.06 21.53
CA PHE A 151 -15.88 -3.63 21.86
C PHE A 151 -15.95 -2.34 22.65
N GLU A 152 -14.95 -2.09 23.49
CA GLU A 152 -14.94 -0.90 24.37
C GLU A 152 -14.78 0.33 23.51
N LEU A 153 -13.86 0.28 22.56
CA LEU A 153 -13.66 1.41 21.65
C LEU A 153 -14.92 1.67 20.82
N LEU A 154 -15.52 0.58 20.32
CA LEU A 154 -16.71 0.66 19.50
C LEU A 154 -17.87 1.21 20.32
N LYS A 155 -18.00 0.74 21.57
CA LYS A 155 -19.12 1.21 22.42
C LYS A 155 -18.95 2.70 22.74
N ASN A 156 -17.73 3.12 23.02
CA ASN A 156 -17.46 4.54 23.26
C ASN A 156 -17.78 5.37 22.03
N ALA A 157 -17.39 4.90 20.84
CA ALA A 157 -17.59 5.67 19.62
C ALA A 157 -19.09 5.79 19.32
N TYR A 158 -19.82 4.70 19.56
CA TYR A 158 -21.26 4.67 19.38
C TYR A 158 -21.96 5.68 20.31
N ASP A 159 -21.56 5.68 21.59
CA ASP A 159 -22.16 6.55 22.62
C ASP A 159 -21.82 8.00 22.35
N ALA A 160 -20.59 8.26 21.90
CA ALA A 160 -20.20 9.59 21.48
C ALA A 160 -21.13 10.10 20.35
N ALA A 161 -21.37 9.30 19.32
CA ALA A 161 -22.29 9.69 18.24
C ALA A 161 -23.75 9.92 18.69
N LYS A 162 -24.30 8.95 19.40
CA LYS A 162 -25.65 9.07 19.95
C LYS A 162 -25.83 10.28 20.90
N ASP A 163 -24.87 10.54 21.78
CA ASP A 163 -24.99 11.68 22.74
C ASP A 163 -25.13 13.04 22.00
N LYS A 164 -24.48 13.15 20.84
CA LYS A 164 -24.55 14.37 20.03
C LYS A 164 -25.65 14.31 18.99
N GLY A 165 -26.14 13.11 18.71
CA GLY A 165 -27.13 12.89 17.66
C GLY A 165 -26.53 12.69 16.28
N VAL A 166 -25.21 12.47 16.21
CA VAL A 166 -24.58 12.06 14.94
C VAL A 166 -25.11 10.67 14.53
N PRO A 167 -25.61 10.54 13.28
CA PRO A 167 -26.14 9.23 12.88
C PRO A 167 -25.02 8.22 12.68
N VAL A 168 -25.21 7.04 13.25
CA VAL A 168 -24.20 6.00 13.28
C VAL A 168 -24.83 4.65 12.88
N THR A 169 -24.11 3.87 12.06
CA THR A 169 -24.51 2.49 11.71
C THR A 169 -23.41 1.50 12.08
N VAL A 170 -23.78 0.43 12.78
CA VAL A 170 -22.86 -0.56 13.24
C VAL A 170 -23.12 -1.87 12.50
N GLY A 171 -22.07 -2.38 11.83
CA GLY A 171 -22.10 -3.61 11.08
C GLY A 171 -20.72 -3.95 10.55
N SER A 172 -20.71 -4.65 9.40
CA SER A 172 -19.46 -5.14 8.87
C SER A 172 -19.09 -4.57 7.51
N VAL A 173 -17.83 -4.76 7.14
CA VAL A 173 -17.34 -4.21 5.90
C VAL A 173 -16.62 -5.28 5.14
N PHE A 174 -16.11 -4.94 3.98
CA PHE A 174 -15.37 -5.87 3.20
C PHE A 174 -14.06 -5.22 2.90
N THR A 175 -13.00 -5.95 3.21
CA THR A 175 -11.63 -5.48 3.01
C THR A 175 -11.10 -6.11 1.74
N ALA A 176 -10.92 -5.27 0.74
CA ALA A 176 -10.65 -5.77 -0.61
C ALA A 176 -9.21 -5.59 -0.93
N ASP A 177 -8.64 -6.57 -1.64
CA ASP A 177 -7.33 -6.44 -2.26
C ASP A 177 -7.33 -5.68 -3.58
N GLN A 178 -8.43 -5.77 -4.31
CA GLN A 178 -8.46 -5.23 -5.67
C GLN A 178 -9.52 -4.16 -5.72
N PHE A 179 -9.06 -2.92 -5.79
CA PHE A 179 -9.93 -1.77 -5.89
C PHE A 179 -10.69 -1.93 -7.21
N TYR A 180 -9.94 -2.41 -8.22
CA TYR A 180 -10.41 -2.80 -9.55
C TYR A 180 -10.44 -4.33 -9.70
N ASN A 181 -11.60 -4.92 -9.51
CA ASN A 181 -11.68 -6.37 -9.38
C ASN A 181 -12.69 -6.92 -10.36
N ASP A 182 -12.22 -7.73 -11.31
CA ASP A 182 -13.08 -8.31 -12.34
C ASP A 182 -13.91 -9.44 -11.75
N ASP A 183 -13.53 -9.88 -10.54
CA ASP A 183 -14.13 -11.06 -9.91
C ASP A 183 -14.78 -10.70 -8.57
N SER A 184 -15.22 -9.43 -8.45
CA SER A 184 -15.85 -8.90 -7.23
C SER A 184 -17.16 -9.63 -6.89
N GLN A 185 -17.45 -9.75 -5.59
CA GLN A 185 -18.63 -10.45 -5.10
C GLN A 185 -19.50 -9.56 -4.21
N ILE A 186 -19.45 -8.26 -4.47
CA ILE A 186 -20.10 -7.27 -3.61
C ILE A 186 -21.65 -7.34 -3.59
N GLU A 187 -22.23 -7.83 -4.69
CA GLU A 187 -23.70 -7.99 -4.73
C GLU A 187 -24.09 -9.09 -3.74
N LYS A 188 -23.34 -10.19 -3.76
CA LYS A 188 -23.53 -11.24 -2.79
C LYS A 188 -23.25 -10.72 -1.36
N LEU A 189 -22.16 -10.00 -1.19
CA LEU A 189 -21.84 -9.46 0.12
C LEU A 189 -22.91 -8.50 0.65
N ALA A 190 -23.45 -7.65 -0.22
CA ALA A 190 -24.51 -6.74 0.18
C ALA A 190 -25.70 -7.52 0.71
N LYS A 191 -26.04 -8.58 -0.01
CA LYS A 191 -27.16 -9.43 0.35
C LYS A 191 -26.99 -10.04 1.73
N TYR A 192 -25.77 -10.48 2.06
CA TYR A 192 -25.48 -10.96 3.40
C TYR A 192 -25.40 -9.86 4.48
N GLY A 193 -25.56 -8.59 4.11
CA GLY A 193 -25.73 -7.52 5.09
C GLY A 193 -24.54 -6.59 5.26
N VAL A 194 -23.47 -6.89 4.52
CA VAL A 194 -22.23 -6.14 4.52
C VAL A 194 -22.49 -4.74 4.01
N LEU A 195 -21.91 -3.76 4.70
CA LEU A 195 -22.29 -2.38 4.57
C LEU A 195 -21.50 -1.63 3.51
N GLY A 196 -20.25 -2.01 3.34
CA GLY A 196 -19.38 -1.29 2.40
C GLY A 196 -18.02 -1.94 2.19
N VAL A 197 -17.28 -1.42 1.19
CA VAL A 197 -16.01 -1.92 0.76
C VAL A 197 -14.92 -0.88 1.02
N GLU A 198 -13.80 -1.36 1.54
CA GLU A 198 -12.62 -0.54 1.77
C GLU A 198 -11.44 -1.53 1.72
N MET A 199 -10.26 -1.12 2.19
CA MET A 199 -9.05 -1.88 1.87
C MET A 199 -8.04 -2.07 3.04
N GLU A 200 -8.51 -2.04 4.28
CA GLU A 200 -7.61 -2.00 5.44
C GLU A 200 -8.10 -2.77 6.65
N THR A 201 -9.41 -2.76 6.90
CA THR A 201 -9.88 -3.15 8.20
C THR A 201 -9.50 -4.57 8.63
N THR A 202 -9.57 -5.54 7.73
CA THR A 202 -9.19 -6.89 8.11
C THR A 202 -7.81 -6.85 8.73
N ALA A 203 -6.89 -6.13 8.08
CA ALA A 203 -5.53 -6.09 8.57
C ALA A 203 -5.46 -5.44 9.97
N LEU A 204 -6.16 -4.32 10.11
CA LEU A 204 -6.05 -3.55 11.32
C LEU A 204 -6.50 -4.43 12.46
N TYR A 205 -7.67 -5.05 12.28
CA TYR A 205 -8.32 -5.78 13.34
C TYR A 205 -7.55 -7.06 13.70
N THR A 206 -7.01 -7.72 12.67
CA THR A 206 -6.30 -8.97 12.91
C THR A 206 -5.00 -8.72 13.68
N LEU A 207 -4.19 -7.80 13.16
CA LEU A 207 -2.89 -7.52 13.76
C LEU A 207 -3.01 -6.96 15.17
N ALA A 208 -3.93 -6.03 15.36
CA ALA A 208 -4.22 -5.50 16.69
C ALA A 208 -4.53 -6.61 17.73
N ALA A 209 -5.62 -7.34 17.52
CA ALA A 209 -5.99 -8.39 18.49
C ALA A 209 -4.92 -9.48 18.71
N LYS A 210 -4.10 -9.74 17.68
CA LYS A 210 -2.99 -10.71 17.78
C LYS A 210 -1.94 -10.27 18.83
N HIS A 211 -1.84 -8.96 19.06
CA HIS A 211 -0.87 -8.42 20.00
C HIS A 211 -1.52 -7.80 21.25
N GLY A 212 -2.75 -8.21 21.56
CA GLY A 212 -3.50 -7.63 22.70
C GLY A 212 -3.80 -6.12 22.65
N ARG A 213 -3.72 -5.51 21.47
CA ARG A 213 -4.05 -4.10 21.32
C ARG A 213 -5.52 -3.87 20.87
N LYS A 214 -5.93 -2.61 20.85
CA LYS A 214 -7.33 -2.27 20.63
C LYS A 214 -7.49 -1.58 19.30
N ALA A 215 -8.37 -2.13 18.48
CA ALA A 215 -8.62 -1.63 17.13
C ALA A 215 -10.08 -1.27 16.89
N LEU A 216 -10.28 -0.24 16.07
CA LEU A 216 -11.60 0.13 15.53
C LEU A 216 -11.41 0.85 14.20
N SER A 217 -12.35 0.66 13.27
CA SER A 217 -12.42 1.46 12.05
C SER A 217 -13.71 2.19 12.03
N ILE A 218 -13.58 3.48 11.78
CA ILE A 218 -14.68 4.36 11.60
C ILE A 218 -14.58 4.79 10.13
N LEU A 219 -15.73 4.81 9.47
CA LEU A 219 -15.76 5.03 8.04
C LEU A 219 -16.87 5.97 7.67
N THR A 220 -16.61 6.79 6.66
CA THR A 220 -17.66 7.58 6.02
C THR A 220 -17.80 7.10 4.58
N VAL A 221 -18.91 7.46 3.96
CA VAL A 221 -19.30 6.99 2.65
C VAL A 221 -18.79 7.96 1.60
N SER A 222 -17.85 7.50 0.77
CA SER A 222 -17.32 8.33 -0.31
C SER A 222 -18.10 8.20 -1.62
N ASP A 223 -18.86 7.10 -1.74
CA ASP A 223 -19.75 6.82 -2.88
C ASP A 223 -20.62 5.58 -2.65
N HIS A 224 -21.58 5.38 -3.54
CA HIS A 224 -22.40 4.18 -3.55
C HIS A 224 -21.98 3.37 -4.76
N VAL A 225 -21.24 2.30 -4.47
CA VAL A 225 -20.59 1.47 -5.48
C VAL A 225 -21.58 0.85 -6.45
N LEU A 226 -22.71 0.37 -5.94
CA LEU A 226 -23.62 -0.43 -6.75
C LEU A 226 -24.64 0.35 -7.57
N THR A 227 -25.14 1.45 -7.03
CA THR A 227 -26.22 2.23 -7.68
C THR A 227 -25.69 3.36 -8.56
N GLY A 228 -24.48 3.82 -8.25
CA GLY A 228 -23.81 4.84 -9.06
C GLY A 228 -23.56 6.14 -8.30
N GLU A 229 -24.59 6.62 -7.60
CA GLU A 229 -24.57 7.92 -6.92
C GLU A 229 -23.26 8.29 -6.17
N GLU A 230 -22.59 9.32 -6.70
CA GLU A 230 -21.49 9.96 -5.99
C GLU A 230 -22.11 11.00 -5.05
N THR A 231 -21.58 11.03 -3.83
CA THR A 231 -21.94 12.01 -2.82
C THR A 231 -21.59 13.45 -3.26
N THR A 232 -21.77 14.42 -2.38
CA THR A 232 -21.34 15.80 -2.66
C THR A 232 -20.23 16.18 -1.67
N ALA A 233 -19.43 17.18 -2.04
CA ALA A 233 -18.32 17.66 -1.21
C ALA A 233 -18.78 18.09 0.18
N GLU A 234 -19.96 18.70 0.25
CA GLU A 234 -20.53 19.18 1.49
C GLU A 234 -20.90 18.01 2.41
N GLU A 235 -21.50 16.97 1.83
CA GLU A 235 -21.81 15.75 2.58
C GLU A 235 -20.51 15.16 3.17
N ARG A 236 -19.54 14.86 2.31
CA ARG A 236 -18.33 14.17 2.72
C ARG A 236 -17.59 14.91 3.82
N GLN A 237 -17.58 16.23 3.72
CA GLN A 237 -16.83 17.02 4.68
C GLN A 237 -17.52 17.17 6.05
N THR A 238 -18.84 17.26 6.06
CA THR A 238 -19.62 17.22 7.31
C THR A 238 -19.38 15.88 7.98
N THR A 239 -19.52 14.78 7.23
CA THR A 239 -19.42 13.47 7.85
C THR A 239 -18.02 13.14 8.30
N PHE A 240 -17.03 13.65 7.56
CA PHE A 240 -15.62 13.48 7.89
C PHE A 240 -15.35 14.13 9.26
N HIS A 241 -15.83 15.37 9.41
CA HIS A 241 -15.78 16.06 10.69
C HIS A 241 -16.42 15.22 11.78
N ASP A 242 -17.63 14.71 11.53
CA ASP A 242 -18.31 13.87 12.53
C ASP A 242 -17.50 12.61 12.89
N MET A 243 -16.89 11.99 11.89
CA MET A 243 -16.04 10.85 12.10
C MET A 243 -14.88 11.16 13.06
N ILE A 244 -14.13 12.21 12.76
CA ILE A 244 -12.99 12.62 13.59
C ILE A 244 -13.45 12.94 15.00
N ASP A 245 -14.56 13.65 15.14
CA ASP A 245 -15.08 13.98 16.47
C ASP A 245 -15.43 12.75 17.27
N VAL A 246 -16.08 11.79 16.60
CA VAL A 246 -16.37 10.50 17.21
C VAL A 246 -15.06 9.82 17.61
N ALA A 247 -14.11 9.78 16.68
CA ALA A 247 -12.83 9.17 16.97
C ALA A 247 -12.21 9.78 18.24
N LEU A 248 -12.17 11.12 18.33
CA LEU A 248 -11.53 11.81 19.46
C LEU A 248 -12.21 11.55 20.81
N HIS A 249 -13.28 10.77 20.78
CA HIS A 249 -14.01 10.42 21.97
C HIS A 249 -14.13 8.93 22.10
N SER A 250 -13.54 8.20 21.17
CA SER A 250 -13.61 6.74 21.25
C SER A 250 -12.65 6.12 22.30
N VAL A 251 -11.65 6.88 22.74
CA VAL A 251 -10.82 6.46 23.90
C VAL A 251 -11.21 7.26 25.13
N SER A 252 -11.63 6.51 26.16
CA SER A 252 -12.22 7.04 27.41
C SER A 252 -11.27 7.94 28.20
N SER B 22 -9.36 8.43 -13.48
CA SER B 22 -8.34 7.82 -12.57
C SER B 22 -8.44 8.39 -11.14
N VAL B 23 -9.11 7.66 -10.28
CA VAL B 23 -9.39 8.12 -8.91
C VAL B 23 -8.14 8.56 -8.15
N HIS B 24 -6.97 7.97 -8.42
CA HIS B 24 -5.78 8.26 -7.61
C HIS B 24 -4.61 8.96 -8.29
N ILE B 25 -4.77 9.33 -9.56
CA ILE B 25 -3.76 10.09 -10.27
C ILE B 25 -4.43 11.35 -10.81
N GLY B 26 -3.92 12.50 -10.41
CA GLY B 26 -4.57 13.79 -10.71
C GLY B 26 -3.97 14.45 -11.93
N ALA B 27 -3.88 13.69 -13.01
CA ALA B 27 -3.16 14.12 -14.19
C ALA B 27 -4.06 14.08 -15.43
N GLU B 28 -3.74 14.92 -16.39
CA GLU B 28 -4.48 14.93 -17.64
C GLU B 28 -3.66 14.21 -18.72
N LYS B 29 -4.34 13.50 -19.63
CA LYS B 29 -3.66 12.73 -20.70
C LYS B 29 -2.64 13.58 -21.44
N GLY B 30 -1.54 12.94 -21.86
CA GLY B 30 -0.37 13.63 -22.39
C GLY B 30 0.75 13.69 -21.38
N GLN B 31 0.44 14.23 -20.19
CA GLN B 31 1.39 14.49 -19.09
C GLN B 31 2.30 13.32 -18.66
N ILE B 32 1.83 12.09 -18.88
CA ILE B 32 2.56 10.91 -18.49
C ILE B 32 3.13 10.21 -19.73
N ALA B 33 4.43 9.92 -19.68
CA ALA B 33 5.14 9.29 -20.78
C ALA B 33 4.66 7.85 -21.07
N ASP B 34 5.03 7.33 -22.23
CA ASP B 34 4.72 5.95 -22.61
C ASP B 34 5.49 4.90 -21.76
N THR B 35 6.62 5.34 -21.20
CA THR B 35 7.49 4.51 -20.37
C THR B 35 7.50 5.07 -18.95
N VAL B 36 7.16 4.23 -17.97
CA VAL B 36 7.07 4.67 -16.58
C VAL B 36 7.91 3.81 -15.63
N LEU B 37 8.74 4.46 -14.83
CA LEU B 37 9.50 3.79 -13.79
C LEU B 37 8.63 3.78 -12.53
N LEU B 38 8.68 2.68 -11.79
CA LEU B 38 7.74 2.44 -10.69
C LEU B 38 8.49 2.04 -9.40
N PRO B 39 9.05 3.02 -8.71
CA PRO B 39 9.58 2.80 -7.35
C PRO B 39 8.41 2.75 -6.36
N GLY B 40 8.61 2.07 -5.24
CA GLY B 40 7.59 2.02 -4.20
C GLY B 40 7.43 3.34 -3.47
N ASP B 41 8.54 4.06 -3.34
CA ASP B 41 8.65 5.22 -2.49
C ASP B 41 8.49 6.48 -3.34
N PRO B 42 7.43 7.29 -3.10
CA PRO B 42 7.24 8.50 -3.91
C PRO B 42 8.37 9.47 -3.73
N LEU B 43 9.14 9.34 -2.65
CA LEU B 43 10.30 10.22 -2.46
C LEU B 43 11.46 9.71 -3.32
N ARG B 44 11.49 8.41 -3.61
CA ARG B 44 12.47 7.86 -4.55
C ARG B 44 12.09 8.27 -5.96
N ALA B 45 10.79 8.27 -6.25
CA ALA B 45 10.31 8.77 -7.52
C ALA B 45 10.79 10.22 -7.72
N LYS B 46 10.68 11.03 -6.68
CA LYS B 46 11.18 12.39 -6.72
C LYS B 46 12.69 12.43 -7.01
N PHE B 47 13.46 11.70 -6.20
CA PHE B 47 14.87 11.57 -6.39
C PHE B 47 15.24 11.19 -7.82
N ILE B 48 14.66 10.09 -8.33
CA ILE B 48 14.97 9.61 -9.68
C ILE B 48 14.77 10.69 -10.73
N ALA B 49 13.62 11.36 -10.68
CA ALA B 49 13.26 12.37 -11.66
C ALA B 49 14.26 13.53 -11.66
N GLU B 50 14.46 14.10 -10.46
CA GLU B 50 15.33 15.25 -10.27
C GLU B 50 16.78 14.93 -10.62
N THR B 51 17.21 13.69 -10.36
CA THR B 51 18.59 13.31 -10.56
C THR B 51 18.89 12.87 -11.98
N TYR B 52 17.97 12.15 -12.61
CA TYR B 52 18.26 11.56 -13.90
C TYR B 52 17.59 12.25 -15.09
N LEU B 53 16.52 13.01 -14.85
CA LEU B 53 15.78 13.58 -15.98
C LEU B 53 16.00 15.10 -16.10
N GLU B 54 15.75 15.66 -17.28
CA GLU B 54 15.70 17.12 -17.37
C GLU B 54 14.25 17.55 -17.62
N ASN B 55 13.98 18.86 -17.46
CA ASN B 55 12.64 19.45 -17.65
C ASN B 55 11.57 18.69 -16.83
N VAL B 56 11.76 18.65 -15.52
CA VAL B 56 10.94 17.82 -14.64
C VAL B 56 9.70 18.55 -14.11
N GLU B 57 8.55 17.92 -14.32
CA GLU B 57 7.25 18.38 -13.81
C GLU B 57 6.60 17.29 -12.95
N CYS B 58 6.08 17.68 -11.78
CA CYS B 58 5.21 16.82 -10.99
C CYS B 58 3.78 16.83 -11.55
N TYR B 59 3.30 15.68 -12.01
CA TYR B 59 1.92 15.56 -12.52
C TYR B 59 0.91 15.02 -11.49
N ASN B 60 1.39 14.49 -10.36
CA ASN B 60 0.48 13.96 -9.33
C ASN B 60 0.89 14.17 -7.90
N GLU B 61 -0.04 14.68 -7.10
CA GLU B 61 0.12 14.81 -5.67
C GLU B 61 -0.98 14.10 -4.90
N VAL B 62 -1.93 13.48 -5.60
CA VAL B 62 -3.04 12.82 -4.91
C VAL B 62 -2.46 11.79 -3.95
N ARG B 63 -2.87 11.87 -2.68
CA ARG B 63 -2.43 10.95 -1.61
C ARG B 63 -0.95 11.00 -1.30
N GLY B 64 -0.25 12.06 -1.70
CA GLY B 64 1.21 12.08 -1.58
C GLY B 64 1.92 11.09 -2.50
N MET B 65 1.18 10.34 -3.31
CA MET B 65 1.88 9.40 -4.18
C MET B 65 2.42 10.06 -5.46
N TYR B 66 3.55 10.76 -5.32
CA TYR B 66 4.09 11.60 -6.40
C TYR B 66 4.48 10.87 -7.67
N GLY B 67 4.23 11.52 -8.79
CA GLY B 67 4.70 11.10 -10.08
C GLY B 67 5.27 12.27 -10.85
N PHE B 68 6.21 11.97 -11.73
CA PHE B 68 6.95 13.01 -12.43
C PHE B 68 7.18 12.56 -13.83
N THR B 69 7.34 13.54 -14.70
CA THR B 69 7.73 13.34 -16.06
C THR B 69 8.91 14.26 -16.40
N GLY B 70 9.87 13.72 -17.13
CA GLY B 70 10.92 14.53 -17.70
C GLY B 70 11.44 13.85 -18.93
N THR B 71 12.61 14.29 -19.37
CA THR B 71 13.24 13.65 -20.50
C THR B 71 14.59 13.08 -20.09
N TYR B 72 14.97 12.00 -20.76
CA TYR B 72 16.31 11.47 -20.66
C TYR B 72 16.73 11.28 -22.11
N LYS B 73 17.67 12.13 -22.56
CA LYS B 73 18.19 12.11 -23.95
C LYS B 73 17.11 12.06 -25.06
N GLY B 74 16.25 13.08 -25.11
CA GLY B 74 15.20 13.19 -26.16
C GLY B 74 14.05 12.20 -26.08
N LYS B 75 13.97 11.53 -24.94
CA LYS B 75 12.88 10.60 -24.68
C LYS B 75 12.14 11.07 -23.45
N LYS B 76 10.83 11.20 -23.59
CA LYS B 76 9.97 11.45 -22.44
C LYS B 76 9.90 10.17 -21.58
N ILE B 77 10.23 10.31 -20.28
CA ILE B 77 10.10 9.23 -19.30
C ILE B 77 9.31 9.74 -18.10
N SER B 78 8.46 8.90 -17.53
CA SER B 78 7.76 9.20 -16.26
C SER B 78 8.21 8.29 -15.10
N VAL B 79 8.07 8.81 -13.87
CA VAL B 79 8.47 8.10 -12.64
C VAL B 79 7.40 8.23 -11.56
N GLN B 80 6.75 7.10 -11.26
CA GLN B 80 5.54 7.10 -10.44
C GLN B 80 5.67 6.21 -9.21
N GLY B 81 5.44 6.79 -8.02
CA GLY B 81 5.40 6.01 -6.79
C GLY B 81 4.20 5.07 -6.82
N THR B 82 4.39 3.86 -6.32
CA THR B 82 3.35 2.84 -6.39
C THR B 82 2.80 2.54 -5.03
N GLY B 83 3.56 2.88 -3.99
CA GLY B 83 3.21 2.43 -2.63
C GLY B 83 3.66 1.00 -2.49
N MET B 84 3.33 0.39 -1.35
CA MET B 84 3.78 -0.95 -1.01
C MET B 84 2.65 -1.97 -1.01
N GLY B 85 2.87 -3.09 -1.68
CA GLY B 85 1.93 -4.17 -1.70
C GLY B 85 1.16 -4.25 -3.00
N VAL B 86 0.71 -5.46 -3.29
CA VAL B 86 -0.12 -5.76 -4.43
C VAL B 86 -1.32 -4.78 -4.54
N PRO B 87 -2.09 -4.58 -3.47
CA PRO B 87 -3.25 -3.75 -3.72
C PRO B 87 -2.92 -2.31 -4.13
N SER B 88 -1.86 -1.75 -3.56
CA SER B 88 -1.45 -0.40 -3.83
C SER B 88 -0.86 -0.26 -5.23
N ILE B 89 0.11 -1.10 -5.58
CA ILE B 89 0.63 -1.06 -6.94
C ILE B 89 -0.46 -1.35 -7.99
N SER B 90 -1.37 -2.29 -7.71
CA SER B 90 -2.45 -2.61 -8.65
C SER B 90 -3.26 -1.37 -8.99
N ILE B 91 -3.57 -0.56 -7.99
CA ILE B 91 -4.27 0.70 -8.21
C ILE B 91 -3.59 1.61 -9.22
N TYR B 92 -2.30 1.86 -9.02
CA TYR B 92 -1.55 2.79 -9.88
C TYR B 92 -1.27 2.20 -11.23
N VAL B 93 -0.93 0.91 -11.24
CA VAL B 93 -0.66 0.28 -12.52
C VAL B 93 -1.92 0.30 -13.39
N ASN B 94 -3.04 -0.17 -12.85
CA ASN B 94 -4.32 -0.13 -13.55
C ASN B 94 -4.64 1.21 -14.19
N GLU B 95 -4.51 2.28 -13.41
CA GLU B 95 -4.87 3.62 -13.87
C GLU B 95 -3.87 4.16 -14.89
N LEU B 96 -2.57 3.85 -14.70
CA LEU B 96 -1.55 4.16 -15.70
C LEU B 96 -1.84 3.46 -17.02
N ILE B 97 -2.17 2.18 -16.95
CA ILE B 97 -2.49 1.41 -18.15
C ILE B 97 -3.82 1.91 -18.79
N GLN B 98 -4.90 1.90 -18.02
CA GLN B 98 -6.23 2.21 -18.53
C GLN B 98 -6.46 3.67 -18.86
N SER B 99 -5.92 4.59 -18.07
CA SER B 99 -6.23 6.01 -18.25
C SER B 99 -5.15 6.80 -18.99
N TYR B 100 -3.93 6.27 -19.02
CA TYR B 100 -2.84 7.00 -19.64
C TYR B 100 -2.08 6.18 -20.67
N ASP B 101 -2.58 4.99 -21.00
CA ASP B 101 -2.08 4.25 -22.15
C ASP B 101 -0.57 3.94 -22.09
N VAL B 102 -0.04 3.92 -20.88
CA VAL B 102 1.34 3.55 -20.61
C VAL B 102 1.67 2.17 -21.18
N GLN B 103 2.80 2.07 -21.89
CA GLN B 103 3.18 0.87 -22.66
C GLN B 103 4.31 0.08 -22.00
N ASN B 104 5.25 0.79 -21.39
CA ASN B 104 6.36 0.19 -20.69
C ASN B 104 6.34 0.59 -19.24
N LEU B 105 6.31 -0.40 -18.36
CA LEU B 105 6.25 -0.20 -16.90
C LEU B 105 7.36 -0.98 -16.19
N ILE B 106 8.23 -0.25 -15.51
CA ILE B 106 9.45 -0.84 -15.00
C ILE B 106 9.61 -0.45 -13.53
N ARG B 107 9.42 -1.45 -12.68
CA ARG B 107 9.61 -1.34 -11.27
C ARG B 107 11.10 -1.21 -11.03
N VAL B 108 11.45 -0.22 -10.25
CA VAL B 108 12.80 -0.10 -9.76
C VAL B 108 12.67 -0.03 -8.25
N GLY B 109 13.18 -1.03 -7.52
CA GLY B 109 12.98 -1.08 -6.06
C GLY B 109 13.97 -1.94 -5.27
N SER B 110 13.63 -2.27 -4.04
CA SER B 110 14.51 -3.11 -3.27
CA SER B 110 14.49 -3.09 -3.19
C SER B 110 13.82 -4.42 -2.88
N CYS B 111 14.63 -5.41 -2.52
CA CYS B 111 14.12 -6.68 -2.04
C CYS B 111 15.01 -7.14 -0.90
N GLY B 112 14.48 -8.00 -0.04
CA GLY B 112 15.31 -8.72 0.92
C GLY B 112 15.87 -9.96 0.25
N ALA B 113 17.19 -10.04 0.09
CA ALA B 113 17.81 -11.23 -0.49
C ALA B 113 17.56 -12.44 0.42
N ILE B 114 17.36 -13.62 -0.18
CA ILE B 114 17.12 -14.82 0.63
C ILE B 114 18.09 -15.96 0.29
N ARG B 115 19.03 -15.70 -0.60
CA ARG B 115 20.11 -16.66 -0.92
C ARG B 115 21.49 -16.01 -0.77
N LYS B 116 22.46 -16.76 -0.21
CA LYS B 116 23.85 -16.25 -0.05
C LYS B 116 24.45 -15.95 -1.41
N ASP B 117 24.16 -16.80 -2.40
CA ASP B 117 24.70 -16.57 -3.73
C ASP B 117 24.22 -15.24 -4.36
N VAL B 118 23.25 -14.59 -3.71
CA VAL B 118 22.79 -13.27 -4.10
C VAL B 118 23.63 -12.21 -3.38
N LYS B 119 24.37 -11.45 -4.16
CA LYS B 119 25.33 -10.49 -3.63
C LYS B 119 24.68 -9.14 -3.39
N VAL B 120 25.27 -8.38 -2.48
CA VAL B 120 24.79 -7.02 -2.19
C VAL B 120 24.94 -6.06 -3.38
N ARG B 121 25.76 -6.43 -4.37
CA ARG B 121 25.98 -5.60 -5.58
C ARG B 121 25.19 -6.05 -6.82
N ASP B 122 24.55 -7.20 -6.73
CA ASP B 122 23.83 -7.76 -7.85
C ASP B 122 22.59 -6.93 -8.11
N VAL B 123 22.45 -6.51 -9.34
CA VAL B 123 21.17 -5.97 -9.80
C VAL B 123 20.36 -7.20 -10.21
N ILE B 124 19.19 -7.35 -9.64
CA ILE B 124 18.29 -8.46 -9.94
C ILE B 124 17.25 -8.11 -11.01
N LEU B 125 17.13 -8.98 -12.00
CA LEU B 125 16.09 -8.86 -13.03
C LEU B 125 15.13 -10.02 -12.82
N ALA B 126 13.87 -9.72 -12.50
CA ALA B 126 12.89 -10.77 -12.19
C ALA B 126 12.28 -11.34 -13.46
N MET B 127 12.41 -12.64 -13.67
CA MET B 127 11.75 -13.29 -14.81
C MET B 127 10.27 -13.52 -14.47
N THR B 128 10.01 -13.80 -13.20
CA THR B 128 8.72 -14.18 -12.71
C THR B 128 8.73 -13.96 -11.20
N SER B 129 7.58 -14.18 -10.56
CA SER B 129 7.49 -14.07 -9.12
C SER B 129 6.40 -14.97 -8.61
N SER B 130 6.68 -15.55 -7.46
CA SER B 130 5.74 -16.27 -6.62
C SER B 130 5.05 -15.26 -5.73
N THR B 131 3.99 -15.66 -5.04
CA THR B 131 3.30 -14.73 -4.16
C THR B 131 2.42 -15.48 -3.17
N ASP B 132 2.08 -14.83 -2.06
CA ASP B 132 1.02 -15.34 -1.17
C ASP B 132 -0.20 -14.44 -1.24
N SER B 133 -0.16 -13.49 -2.18
CA SER B 133 -1.34 -12.73 -2.56
C SER B 133 -2.36 -13.66 -3.18
N GLN B 134 -3.63 -13.42 -2.89
CA GLN B 134 -4.67 -14.27 -3.45
C GLN B 134 -5.18 -13.70 -4.77
N MET B 135 -4.57 -12.61 -5.23
CA MET B 135 -5.07 -11.91 -6.41
C MET B 135 -5.26 -12.84 -7.60
N ASN B 136 -4.37 -13.80 -7.79
CA ASN B 136 -4.51 -14.67 -8.96
C ASN B 136 -5.40 -15.89 -8.78
N ARG B 137 -5.46 -16.43 -7.56
CA ARG B 137 -6.42 -17.47 -7.26
C ARG B 137 -7.86 -16.90 -7.39
N VAL B 138 -8.06 -15.65 -6.98
CA VAL B 138 -9.37 -15.02 -7.09
C VAL B 138 -9.84 -15.09 -8.56
N ALA B 139 -8.90 -14.88 -9.49
CA ALA B 139 -9.19 -14.85 -10.92
C ALA B 139 -9.22 -16.24 -11.59
N PHE B 140 -8.38 -17.15 -11.09
CA PHE B 140 -8.11 -18.45 -11.73
C PHE B 140 -8.51 -19.70 -10.90
N GLY B 141 -8.92 -19.51 -9.66
CA GLY B 141 -9.22 -20.65 -8.77
C GLY B 141 -8.08 -21.65 -8.63
N SER B 142 -8.24 -22.80 -9.28
CA SER B 142 -7.38 -23.97 -9.08
C SER B 142 -6.11 -23.97 -9.94
N VAL B 143 -5.93 -22.91 -10.73
CA VAL B 143 -4.73 -22.68 -11.54
C VAL B 143 -3.71 -21.82 -10.79
N ASP B 144 -2.45 -22.27 -10.72
CA ASP B 144 -1.33 -21.42 -10.26
C ASP B 144 -0.91 -20.56 -11.48
N PHE B 145 -1.21 -19.27 -11.45
CA PHE B 145 -0.76 -18.40 -12.53
C PHE B 145 0.63 -17.87 -12.28
N ALA B 146 1.53 -18.14 -13.23
CA ALA B 146 2.89 -17.63 -13.18
C ALA B 146 3.04 -16.37 -14.02
N PRO B 147 3.25 -15.20 -13.36
CA PRO B 147 3.45 -13.96 -14.09
C PRO B 147 4.78 -14.01 -14.84
N CYS B 148 4.96 -13.16 -15.85
CA CYS B 148 6.12 -13.27 -16.72
C CYS B 148 6.57 -11.89 -17.17
N ALA B 149 7.85 -11.56 -16.94
CA ALA B 149 8.42 -10.34 -17.48
C ALA B 149 8.28 -10.26 -19.01
N ASP B 150 8.13 -9.08 -19.55
CA ASP B 150 8.37 -8.94 -20.98
C ASP B 150 9.82 -9.28 -21.29
N PHE B 151 10.02 -10.34 -22.07
CA PHE B 151 11.39 -10.68 -22.42
C PHE B 151 12.18 -9.56 -23.08
N GLU B 152 11.55 -8.80 -23.99
CA GLU B 152 12.29 -7.77 -24.70
C GLU B 152 12.96 -6.81 -23.71
N LEU B 153 12.19 -6.36 -22.72
CA LEU B 153 12.71 -5.46 -21.69
C LEU B 153 13.79 -6.15 -20.85
N LEU B 154 13.53 -7.41 -20.48
CA LEU B 154 14.47 -8.14 -19.63
C LEU B 154 15.83 -8.26 -20.30
N LYS B 155 15.82 -8.74 -21.55
CA LYS B 155 17.02 -8.93 -22.37
C LYS B 155 17.84 -7.62 -22.59
N ASN B 156 17.14 -6.50 -22.89
CA ASN B 156 17.79 -5.18 -23.03
C ASN B 156 18.43 -4.73 -21.71
N ALA B 157 17.74 -5.00 -20.59
CA ALA B 157 18.25 -4.62 -19.28
C ALA B 157 19.48 -5.46 -18.97
N TYR B 158 19.40 -6.75 -19.28
CA TYR B 158 20.53 -7.64 -19.16
C TYR B 158 21.73 -7.14 -19.99
N ASP B 159 21.50 -6.81 -21.26
CA ASP B 159 22.57 -6.42 -22.20
C ASP B 159 23.17 -5.09 -21.82
N ALA B 160 22.34 -4.22 -21.25
CA ALA B 160 22.81 -2.93 -20.79
C ALA B 160 23.71 -3.10 -19.59
N ALA B 161 23.34 -4.00 -18.67
CA ALA B 161 24.14 -4.25 -17.48
C ALA B 161 25.49 -4.87 -17.86
N LYS B 162 25.46 -5.83 -18.78
CA LYS B 162 26.69 -6.45 -19.25
C LYS B 162 27.64 -5.43 -19.93
N ASP B 163 27.07 -4.50 -20.70
CA ASP B 163 27.83 -3.47 -21.40
C ASP B 163 28.66 -2.62 -20.44
N LYS B 164 28.09 -2.29 -19.28
CA LYS B 164 28.75 -1.45 -18.31
C LYS B 164 29.61 -2.28 -17.34
N GLY B 165 29.40 -3.60 -17.35
CA GLY B 165 30.02 -4.52 -16.38
C GLY B 165 29.34 -4.55 -15.02
N VAL B 166 28.13 -4.00 -14.95
CA VAL B 166 27.26 -4.03 -13.77
C VAL B 166 26.89 -5.47 -13.44
N PRO B 167 27.14 -5.93 -12.21
CA PRO B 167 26.79 -7.32 -11.94
C PRO B 167 25.27 -7.51 -11.89
N VAL B 168 24.81 -8.63 -12.42
CA VAL B 168 23.39 -8.84 -12.58
C VAL B 168 23.02 -10.30 -12.32
N THR B 169 21.88 -10.50 -11.67
CA THR B 169 21.35 -11.83 -11.47
C THR B 169 19.92 -11.90 -12.03
N VAL B 170 19.64 -12.95 -12.79
CA VAL B 170 18.32 -13.16 -13.37
C VAL B 170 17.65 -14.39 -12.80
N GLY B 171 16.45 -14.17 -12.28
CA GLY B 171 15.73 -15.26 -11.66
C GLY B 171 14.40 -14.78 -11.13
N SER B 172 13.92 -15.47 -10.11
CA SER B 172 12.58 -15.21 -9.62
C SER B 172 12.59 -14.56 -8.25
N VAL B 173 11.50 -13.86 -7.94
CA VAL B 173 11.33 -13.27 -6.64
C VAL B 173 10.03 -13.75 -6.03
N PHE B 174 9.79 -13.36 -4.79
CA PHE B 174 8.56 -13.64 -4.08
C PHE B 174 7.91 -12.32 -3.75
N THR B 175 6.60 -12.22 -4.06
CA THR B 175 5.81 -11.06 -3.74
C THR B 175 4.98 -11.37 -2.50
N ALA B 176 5.22 -10.62 -1.45
CA ALA B 176 4.65 -10.93 -0.14
C ALA B 176 3.56 -9.92 0.12
N ASP B 177 2.50 -10.37 0.79
CA ASP B 177 1.49 -9.46 1.27
C ASP B 177 1.93 -8.95 2.64
N GLN B 178 2.79 -9.69 3.32
CA GLN B 178 3.10 -9.41 4.72
C GLN B 178 4.60 -9.27 4.99
N PHE B 179 5.06 -8.03 5.09
CA PHE B 179 6.45 -7.76 5.41
C PHE B 179 6.89 -8.51 6.67
N TYR B 180 5.99 -8.58 7.66
CA TYR B 180 6.14 -9.32 8.94
C TYR B 180 5.16 -10.47 8.97
N ASN B 181 5.68 -11.67 8.79
CA ASN B 181 4.86 -12.84 8.62
C ASN B 181 5.44 -13.96 9.46
N ASP B 182 4.73 -14.32 10.52
CA ASP B 182 5.10 -15.45 11.38
C ASP B 182 5.02 -16.77 10.63
N ASP B 183 4.21 -16.79 9.58
CA ASP B 183 3.98 -18.01 8.82
C ASP B 183 4.72 -17.99 7.47
N SER B 184 5.80 -17.20 7.41
CA SER B 184 6.60 -17.11 6.18
C SER B 184 7.21 -18.46 5.73
N GLN B 185 7.43 -18.61 4.42
CA GLN B 185 8.06 -19.80 3.86
C GLN B 185 9.34 -19.44 3.07
N ILE B 186 10.02 -18.41 3.54
CA ILE B 186 11.25 -17.90 2.94
C ILE B 186 12.30 -18.98 2.72
N GLU B 187 12.44 -19.88 3.69
CA GLU B 187 13.46 -20.91 3.58
C GLU B 187 13.13 -21.90 2.50
N LYS B 188 11.86 -22.28 2.40
CA LYS B 188 11.48 -23.19 1.34
C LYS B 188 11.67 -22.49 -0.01
N LEU B 189 11.25 -21.23 -0.11
CA LEU B 189 11.38 -20.50 -1.37
C LEU B 189 12.83 -20.42 -1.85
N ALA B 190 13.73 -20.08 -0.91
CA ALA B 190 15.16 -20.01 -1.16
C ALA B 190 15.71 -21.35 -1.61
N LYS B 191 15.29 -22.42 -0.97
CA LYS B 191 15.71 -23.75 -1.42
C LYS B 191 15.20 -24.04 -2.88
N TYR B 192 14.08 -23.42 -3.25
CA TYR B 192 13.52 -23.59 -4.60
C TYR B 192 14.08 -22.60 -5.62
N GLY B 193 15.01 -21.74 -5.18
CA GLY B 193 15.81 -20.94 -6.13
C GLY B 193 15.40 -19.48 -6.17
N VAL B 194 14.43 -19.11 -5.34
CA VAL B 194 13.89 -17.77 -5.37
C VAL B 194 14.93 -16.82 -4.79
N LEU B 195 15.09 -15.65 -5.39
CA LEU B 195 16.25 -14.82 -5.10
C LEU B 195 16.04 -13.87 -3.94
N GLY B 196 14.81 -13.39 -3.77
CA GLY B 196 14.53 -12.36 -2.77
C GLY B 196 13.06 -12.04 -2.60
N VAL B 197 12.77 -11.23 -1.59
CA VAL B 197 11.41 -10.88 -1.22
C VAL B 197 11.16 -9.42 -1.48
N GLU B 198 10.00 -9.13 -2.06
CA GLU B 198 9.54 -7.76 -2.27
C GLU B 198 8.01 -7.79 -2.25
N MET B 199 7.32 -6.77 -2.77
CA MET B 199 5.90 -6.64 -2.49
C MET B 199 5.04 -6.07 -3.64
N GLU B 200 5.46 -6.27 -4.89
CA GLU B 200 4.87 -5.57 -6.02
C GLU B 200 4.86 -6.38 -7.30
N THR B 201 5.88 -7.19 -7.50
CA THR B 201 6.12 -7.74 -8.81
C THR B 201 4.95 -8.55 -9.40
N THR B 202 4.35 -9.43 -8.60
CA THR B 202 3.28 -10.28 -9.13
C THR B 202 2.18 -9.44 -9.78
N ALA B 203 1.78 -8.36 -9.11
CA ALA B 203 0.70 -7.51 -9.61
C ALA B 203 1.14 -6.78 -10.89
N LEU B 204 2.37 -6.23 -10.87
CA LEU B 204 2.90 -5.51 -12.01
C LEU B 204 2.80 -6.38 -13.25
N TYR B 205 3.39 -7.59 -13.17
CA TYR B 205 3.52 -8.49 -14.33
C TYR B 205 2.17 -9.06 -14.79
N THR B 206 1.27 -9.31 -13.83
CA THR B 206 -0.03 -9.90 -14.12
C THR B 206 -0.85 -8.86 -14.88
N LEU B 207 -0.96 -7.66 -14.30
CA LEU B 207 -1.77 -6.59 -14.89
C LEU B 207 -1.25 -6.06 -16.21
N ALA B 208 0.07 -5.91 -16.32
CA ALA B 208 0.69 -5.51 -17.58
C ALA B 208 0.47 -6.52 -18.72
N ALA B 209 0.71 -7.80 -18.45
CA ALA B 209 0.46 -8.85 -19.48
C ALA B 209 -1.03 -8.94 -19.89
N LYS B 210 -1.91 -8.74 -18.92
CA LYS B 210 -3.36 -8.86 -19.12
C LYS B 210 -3.89 -7.82 -20.15
N HIS B 211 -3.22 -6.66 -20.21
CA HIS B 211 -3.57 -5.55 -21.10
C HIS B 211 -2.52 -5.34 -22.21
N GLY B 212 -1.80 -6.40 -22.57
CA GLY B 212 -0.78 -6.33 -23.63
C GLY B 212 0.32 -5.29 -23.46
N ARG B 213 0.76 -5.05 -22.22
CA ARG B 213 1.77 -4.04 -21.97
C ARG B 213 3.08 -4.69 -21.51
N LYS B 214 4.17 -3.93 -21.51
CA LYS B 214 5.45 -4.55 -21.24
C LYS B 214 5.90 -4.18 -19.82
N ALA B 215 6.16 -5.23 -19.02
CA ALA B 215 6.62 -5.05 -17.64
C ALA B 215 7.97 -5.73 -17.32
N LEU B 216 8.73 -5.07 -16.46
CA LEU B 216 9.98 -5.61 -15.94
C LEU B 216 10.18 -5.09 -14.53
N SER B 217 10.68 -5.94 -13.64
CA SER B 217 11.13 -5.51 -12.31
C SER B 217 12.64 -5.66 -12.16
N ILE B 218 13.25 -4.55 -11.75
CA ILE B 218 14.67 -4.50 -11.46
C ILE B 218 14.78 -4.19 -9.98
N LEU B 219 15.54 -4.98 -9.26
CA LEU B 219 15.61 -4.84 -7.81
C LEU B 219 17.03 -4.79 -7.31
N THR B 220 17.27 -3.95 -6.31
CA THR B 220 18.53 -3.97 -5.56
C THR B 220 18.32 -4.69 -4.24
N VAL B 221 19.41 -5.11 -3.62
CA VAL B 221 19.36 -5.79 -2.34
C VAL B 221 19.42 -4.78 -1.22
N SER B 222 18.36 -4.69 -0.41
CA SER B 222 18.35 -3.81 0.76
C SER B 222 18.85 -4.49 2.03
N ASP B 223 18.77 -5.81 2.08
CA ASP B 223 19.20 -6.60 3.23
C ASP B 223 19.27 -8.07 2.86
N HIS B 224 19.94 -8.86 3.70
CA HIS B 224 19.84 -10.31 3.64
C HIS B 224 18.90 -10.78 4.74
N VAL B 225 17.75 -11.29 4.31
CA VAL B 225 16.64 -11.64 5.20
C VAL B 225 17.00 -12.71 6.23
N LEU B 226 17.67 -13.76 5.76
CA LEU B 226 17.96 -14.91 6.61
C LEU B 226 19.16 -14.63 7.52
N THR B 227 20.29 -14.29 6.92
CA THR B 227 21.53 -14.06 7.66
C THR B 227 21.52 -12.78 8.50
N GLY B 228 20.47 -11.96 8.35
CA GLY B 228 20.31 -10.71 9.10
C GLY B 228 21.25 -9.59 8.66
N GLU B 229 22.41 -9.98 8.13
CA GLU B 229 23.44 -9.05 7.62
C GLU B 229 22.86 -7.91 6.76
N GLU B 230 23.16 -6.67 7.12
CA GLU B 230 22.59 -5.50 6.43
C GLU B 230 23.58 -4.94 5.39
N THR B 231 23.07 -4.06 4.53
CA THR B 231 23.85 -3.49 3.45
C THR B 231 24.08 -2.00 3.69
N THR B 232 25.36 -1.62 3.66
CA THR B 232 25.78 -0.22 3.90
C THR B 232 25.09 0.75 2.95
N ALA B 233 25.13 2.03 3.32
CA ALA B 233 24.65 3.12 2.46
C ALA B 233 25.44 3.17 1.13
N GLU B 234 26.76 3.11 1.23
CA GLU B 234 27.65 3.13 0.06
C GLU B 234 27.26 2.09 -1.00
N GLU B 235 27.10 0.84 -0.56
CA GLU B 235 26.62 -0.25 -1.41
C GLU B 235 25.22 0.02 -1.98
N ARG B 236 24.30 0.47 -1.14
CA ARG B 236 22.94 0.76 -1.57
C ARG B 236 22.90 1.79 -2.69
N GLN B 237 23.55 2.94 -2.47
CA GLN B 237 23.50 4.05 -3.44
C GLN B 237 24.15 3.69 -4.75
N THR B 238 25.24 2.94 -4.68
CA THR B 238 25.94 2.39 -5.84
C THR B 238 25.02 1.52 -6.67
N THR B 239 24.40 0.52 -6.06
CA THR B 239 23.53 -0.41 -6.75
C THR B 239 22.28 0.30 -7.25
N PHE B 240 21.75 1.21 -6.44
CA PHE B 240 20.65 2.03 -6.87
C PHE B 240 21.01 2.73 -8.17
N HIS B 241 22.18 3.41 -8.20
CA HIS B 241 22.61 4.07 -9.43
C HIS B 241 22.61 3.07 -10.56
N ASP B 242 23.21 1.91 -10.33
CA ASP B 242 23.24 0.87 -11.36
C ASP B 242 21.84 0.50 -11.87
N MET B 243 20.92 0.28 -10.94
CA MET B 243 19.57 -0.09 -11.31
C MET B 243 18.88 0.96 -12.22
N ILE B 244 18.94 2.23 -11.83
CA ILE B 244 18.33 3.30 -12.62
C ILE B 244 18.93 3.40 -14.01
N ASP B 245 20.27 3.37 -14.06
CA ASP B 245 20.92 3.46 -15.34
C ASP B 245 20.56 2.29 -16.23
N VAL B 246 20.51 1.08 -15.67
CA VAL B 246 20.02 -0.09 -16.42
C VAL B 246 18.56 0.11 -16.91
N ALA B 247 17.71 0.58 -16.01
CA ALA B 247 16.30 0.82 -16.29
C ALA B 247 16.12 1.75 -17.49
N LEU B 248 16.85 2.86 -17.48
CA LEU B 248 16.81 3.85 -18.56
C LEU B 248 17.29 3.33 -19.91
N HIS B 249 17.65 2.04 -19.94
CA HIS B 249 18.17 1.37 -21.13
C HIS B 249 17.32 0.15 -21.49
N SER B 250 16.20 -0.04 -20.80
CA SER B 250 15.39 -1.23 -21.04
C SER B 250 14.46 -1.15 -22.26
N VAL B 251 13.96 0.05 -22.60
CA VAL B 251 13.20 0.22 -23.86
C VAL B 251 14.16 0.42 -25.06
N SER B 252 13.99 -0.41 -26.09
CA SER B 252 14.83 -0.40 -27.30
C SER B 252 14.99 0.98 -27.94
S SO4 C . -8.88 5.99 2.99
O1 SO4 C . -8.45 6.18 4.39
O2 SO4 C . -7.76 5.48 2.23
O3 SO4 C . -9.94 5.01 2.97
O4 SO4 C . -9.30 7.32 2.56
S SO4 D . -13.48 15.27 -0.59
O1 SO4 D . -12.83 16.05 0.48
O2 SO4 D . -12.56 15.10 -1.72
O3 SO4 D . -13.89 13.98 -0.05
O4 SO4 D . -14.68 15.99 -1.05
N9 ADE E . -13.95 3.03 -1.90
C8 ADE E . -14.77 3.26 -2.98
N7 ADE E . -14.79 2.29 -3.87
C5 ADE E . -13.94 1.33 -3.33
C6 ADE E . -13.54 0.06 -3.78
N6 ADE E . -13.94 -0.52 -4.92
N1 ADE E . -12.67 -0.61 -3.02
C2 ADE E . -12.26 -0.04 -1.89
N3 ADE E . -12.58 1.13 -1.35
C4 ADE E . -13.43 1.78 -2.13
S SO4 F . 11.18 -18.95 7.27
O1 SO4 F . 10.68 -19.21 8.62
O2 SO4 F . 10.26 -18.10 6.52
O3 SO4 F . 11.32 -20.20 6.55
O4 SO4 F . 12.48 -18.26 7.38
S SO4 G . 10.48 -0.23 -2.82
O1 SO4 G . 11.50 0.70 -2.31
O2 SO4 G . 10.93 -1.62 -2.76
O3 SO4 G . 9.25 -0.06 -2.04
O4 SO4 G . 10.29 0.10 -4.22
N9 ADE H . 10.84 -6.05 1.03
C8 ADE H . 12.15 -5.75 1.32
N7 ADE H . 12.68 -6.48 2.27
C5 ADE H . 11.66 -7.35 2.64
C6 ADE H . 11.59 -8.37 3.60
N6 ADE H . 12.61 -8.71 4.39
N1 ADE H . 10.42 -9.05 3.73
C2 ADE H . 9.41 -8.68 2.93
N3 ADE H . 9.37 -7.74 1.98
C4 ADE H . 10.53 -7.10 1.89
#